data_9HCY
#
_entry.id   9HCY
#
_cell.length_a   51.920
_cell.length_b   51.920
_cell.length_c   147.231
_cell.angle_alpha   90.00
_cell.angle_beta   90.00
_cell.angle_gamma   90.00
#
_symmetry.space_group_name_H-M   'P 41 21 2'
#
loop_
_entity.id
_entity.type
_entity.pdbx_description
1 polymer 'Telomeric repeat-binding factor 1'
2 non-polymer 2-(4-ethylphenoxy)-1-piperidin-1-yl-ethanone
3 non-polymer 1,2-ETHANEDIOL
4 non-polymer 'CALCIUM ION'
5 water water
#
_entity_poly.entity_id   1
_entity_poly.type   'polypeptide(L)'
_entity_poly.pdbx_seq_one_letter_code
;SNAQVQVGAPEEEEEEEEDAGLVAEAEAVAAGWMLDFLCLSLCRAFRDGRSEDFRRTRNSAEAIIHGLSSLTACQLRTIY
ICQFLTRIAAGKTLDAQFENDERITPLESALMIWGSIEKEHDKLHEEIQNLIKIQAIAVCMENGNFKEAEEVFERIFGDP
NSHMPFKSKLLMIISQKDTFHSFFQHFSYNHMMEKIKSYVNYVLSEKSSTFLMKAAAKVVESKR
;
_entity_poly.pdbx_strand_id   A
#
loop_
_chem_comp.id
_chem_comp.type
_chem_comp.name
_chem_comp.formula
A9E non-polymer 2-(4-ethylphenoxy)-1-piperidin-1-yl-ethanone 'C15 H21 N O2'
CA non-polymer 'CALCIUM ION' 'Ca 2'
EDO non-polymer 1,2-ETHANEDIOL 'C2 H6 O2'
#
# COMPACT_ATOMS: atom_id res chain seq x y z
N GLU A 16 -24.15 17.18 -31.37
CA GLU A 16 -22.70 17.30 -31.39
C GLU A 16 -22.16 17.51 -29.97
N GLU A 17 -22.76 18.43 -29.20
CA GLU A 17 -22.33 18.67 -27.82
C GLU A 17 -22.83 17.54 -26.90
N GLU A 18 -24.07 17.05 -27.17
CA GLU A 18 -24.66 15.94 -26.42
C GLU A 18 -23.88 14.66 -26.68
N ASP A 19 -23.41 14.46 -27.93
CA ASP A 19 -22.62 13.30 -28.30
C ASP A 19 -21.28 13.35 -27.57
N ALA A 20 -20.60 14.52 -27.58
CA ALA A 20 -19.34 14.70 -26.87
C ALA A 20 -19.47 14.40 -25.38
N GLY A 21 -20.59 14.84 -24.79
CA GLY A 21 -20.88 14.61 -23.38
C GLY A 21 -21.11 13.15 -23.06
N LEU A 22 -21.82 12.44 -23.94
CA LEU A 22 -22.11 11.01 -23.78
C LEU A 22 -20.82 10.19 -23.93
N VAL A 23 -19.93 10.61 -24.84
CA VAL A 23 -18.65 9.96 -25.05
C VAL A 23 -17.78 10.12 -23.81
N ALA A 24 -17.75 11.34 -23.23
CA ALA A 24 -16.98 11.61 -22.01
C ALA A 24 -17.52 10.78 -20.84
N GLU A 25 -18.85 10.61 -20.76
CA GLU A 25 -19.43 9.81 -19.69
C GLU A 25 -19.01 8.34 -19.85
N ALA A 26 -19.00 7.83 -21.10
CA ALA A 26 -18.56 6.45 -21.36
C ALA A 26 -17.07 6.27 -21.05
N GLU A 27 -16.22 7.27 -21.38
CA GLU A 27 -14.80 7.19 -21.05
C GLU A 27 -14.61 7.12 -19.51
N ALA A 28 -15.46 7.82 -18.73
CA ALA A 28 -15.39 7.77 -17.26
C ALA A 28 -15.78 6.38 -16.75
N VAL A 29 -16.82 5.77 -17.35
CA VAL A 29 -17.23 4.40 -16.97
C VAL A 29 -16.09 3.41 -17.25
N ALA A 30 -15.49 3.50 -18.44
CA ALA A 30 -14.39 2.59 -18.80
C ALA A 30 -13.18 2.78 -17.90
N ALA A 31 -12.83 4.04 -17.54
CA ALA A 31 -11.69 4.29 -16.65
C ALA A 31 -11.92 3.68 -15.28
N GLY A 32 -13.16 3.71 -14.80
CA GLY A 32 -13.50 3.09 -13.52
C GLY A 32 -13.31 1.58 -13.56
N TRP A 33 -13.70 0.95 -14.67
CA TRP A 33 -13.49 -0.50 -14.84
C TRP A 33 -11.99 -0.82 -14.92
N MET A 34 -11.23 0.04 -15.61
CA MET A 34 -9.79 -0.16 -15.76
C MET A 34 -9.07 0.01 -14.38
N LEU A 35 -9.55 0.91 -13.53
CA LEU A 35 -8.92 1.14 -12.21
C LEU A 35 -9.07 -0.11 -11.32
N ASP A 36 -10.28 -0.69 -11.30
CA ASP A 36 -10.53 -1.89 -10.51
C ASP A 36 -9.68 -3.05 -10.97
N PHE A 37 -9.58 -3.22 -12.31
CA PHE A 37 -8.80 -4.30 -12.89
C PHE A 37 -7.31 -4.14 -12.55
N LEU A 38 -6.78 -2.91 -12.68
CA LEU A 38 -5.37 -2.65 -12.39
C LEU A 38 -5.06 -2.80 -10.89
N CYS A 39 -6.03 -2.48 -10.03
CA CYS A 39 -5.87 -2.68 -8.59
C CYS A 39 -5.75 -4.18 -8.29
N LEU A 40 -6.61 -4.99 -8.89
CA LEU A 40 -6.59 -6.44 -8.74
C LEU A 40 -5.25 -7.01 -9.24
N SER A 41 -4.75 -6.54 -10.40
CA SER A 41 -3.47 -7.01 -10.94
CA SER A 41 -3.48 -7.00 -10.94
C SER A 41 -2.31 -6.60 -10.04
N LEU A 42 -2.36 -5.38 -9.48
CA LEU A 42 -1.34 -4.84 -8.57
C LEU A 42 -1.32 -5.68 -7.28
N CYS A 43 -2.50 -5.99 -6.70
CA CYS A 43 -2.61 -6.81 -5.50
C CYS A 43 -2.01 -8.18 -5.73
N ARG A 44 -2.32 -8.77 -6.89
CA ARG A 44 -1.83 -10.12 -7.20
C ARG A 44 -0.32 -10.13 -7.35
N ALA A 45 0.26 -9.10 -8.01
CA ALA A 45 1.70 -9.02 -8.20
C ALA A 45 2.41 -8.86 -6.83
N PHE A 46 1.83 -8.05 -5.94
CA PHE A 46 2.35 -7.85 -4.58
C PHE A 46 2.31 -9.17 -3.83
N ARG A 47 1.16 -9.88 -3.84
CA ARG A 47 1.00 -11.16 -3.14
C ARG A 47 2.01 -12.21 -3.66
N ASP A 48 2.18 -12.28 -4.98
CA ASP A 48 3.09 -13.23 -5.61
C ASP A 48 4.56 -12.87 -5.55
N GLY A 49 4.88 -11.63 -5.21
CA GLY A 49 6.27 -11.16 -5.23
C GLY A 49 6.82 -10.94 -6.62
N ARG A 50 5.94 -10.62 -7.58
CA ARG A 50 6.35 -10.39 -8.97
C ARG A 50 6.72 -8.92 -9.06
N SER A 51 7.96 -8.60 -8.68
CA SER A 51 8.47 -7.24 -8.62
CA SER A 51 8.46 -7.23 -8.62
C SER A 51 8.32 -6.39 -9.90
N GLU A 52 8.70 -6.95 -11.05
CA GLU A 52 8.63 -6.21 -12.32
C GLU A 52 7.21 -6.01 -12.80
N ASP A 53 6.34 -7.01 -12.66
CA ASP A 53 4.92 -6.85 -12.98
C ASP A 53 4.30 -5.80 -12.06
N PHE A 54 4.70 -5.76 -10.77
CA PHE A 54 4.16 -4.75 -9.83
C PHE A 54 4.54 -3.36 -10.32
N ARG A 55 5.83 -3.16 -10.69
CA ARG A 55 6.33 -1.88 -11.17
C ARG A 55 5.55 -1.42 -12.41
N ARG A 56 5.41 -2.30 -13.41
CA ARG A 56 4.71 -1.95 -14.66
C ARG A 56 3.22 -1.67 -14.42
N THR A 57 2.56 -2.48 -13.58
CA THR A 57 1.14 -2.27 -13.25
C THR A 57 0.93 -0.98 -12.49
N ARG A 58 1.87 -0.61 -11.60
CA ARG A 58 1.76 0.63 -10.84
C ARG A 58 1.77 1.81 -11.80
N ASN A 59 2.67 1.78 -12.81
CA ASN A 59 2.75 2.81 -13.85
C ASN A 59 1.39 2.97 -14.59
N SER A 60 0.78 1.85 -14.97
CA SER A 60 -0.51 1.87 -15.64
C SER A 60 -1.63 2.41 -14.73
N ALA A 61 -1.64 2.00 -13.45
CA ALA A 61 -2.65 2.48 -12.49
C ALA A 61 -2.52 3.98 -12.30
N GLU A 62 -1.28 4.50 -12.14
CA GLU A 62 -1.10 5.95 -11.95
C GLU A 62 -1.64 6.74 -13.16
N ALA A 63 -1.29 6.31 -14.37
CA ALA A 63 -1.74 7.00 -15.58
C ALA A 63 -3.28 7.01 -15.69
N ILE A 64 -3.94 5.87 -15.44
CA ILE A 64 -5.40 5.80 -15.50
C ILE A 64 -6.04 6.72 -14.44
N ILE A 65 -5.42 6.81 -13.25
CA ILE A 65 -5.93 7.65 -12.17
C ILE A 65 -5.90 9.13 -12.55
N HIS A 66 -4.85 9.58 -13.27
CA HIS A 66 -4.78 10.99 -13.72
C HIS A 66 -5.82 11.38 -14.77
N GLY A 67 -6.44 10.39 -15.42
CA GLY A 67 -7.49 10.63 -16.39
C GLY A 67 -8.89 10.53 -15.79
N LEU A 68 -8.99 10.32 -14.48
CA LEU A 68 -10.28 10.25 -13.77
C LEU A 68 -10.44 11.53 -12.96
N SER A 69 -11.61 12.19 -12.99
CA SER A 69 -11.81 13.38 -12.16
C SER A 69 -12.63 13.05 -10.90
N SER A 70 -13.97 12.98 -11.00
CA SER A 70 -14.82 12.68 -9.86
C SER A 70 -14.73 11.22 -9.44
N LEU A 71 -14.54 11.00 -8.15
CA LEU A 71 -14.40 9.64 -7.64
C LEU A 71 -15.48 9.31 -6.65
N THR A 72 -15.97 8.06 -6.69
CA THR A 72 -16.91 7.59 -5.68
C THR A 72 -16.09 7.20 -4.43
N ALA A 73 -16.76 6.96 -3.29
CA ALA A 73 -16.08 6.51 -2.06
C ALA A 73 -15.34 5.20 -2.33
N CYS A 74 -15.95 4.30 -3.11
CA CYS A 74 -15.34 3.02 -3.45
CA CYS A 74 -15.33 3.02 -3.44
C CYS A 74 -14.05 3.18 -4.28
N GLN A 75 -14.05 4.11 -5.26
CA GLN A 75 -12.88 4.37 -6.10
C GLN A 75 -11.74 5.02 -5.30
N LEU A 76 -12.07 5.86 -4.32
CA LEU A 76 -11.05 6.48 -3.47
C LEU A 76 -10.39 5.38 -2.62
N ARG A 77 -11.18 4.45 -2.08
CA ARG A 77 -10.66 3.33 -1.30
C ARG A 77 -9.72 2.46 -2.18
N THR A 78 -10.12 2.17 -3.43
CA THR A 78 -9.30 1.40 -4.36
C THR A 78 -7.97 2.12 -4.63
N ILE A 79 -8.02 3.44 -4.82
CA ILE A 79 -6.81 4.21 -5.05
C ILE A 79 -5.89 4.19 -3.83
N TYR A 80 -6.48 4.32 -2.63
CA TYR A 80 -5.74 4.28 -1.36
C TYR A 80 -5.04 2.94 -1.21
N ILE A 81 -5.70 1.84 -1.57
CA ILE A 81 -5.07 0.52 -1.50
C ILE A 81 -3.86 0.47 -2.44
N CYS A 82 -3.99 0.98 -3.69
CA CYS A 82 -2.85 1.00 -4.64
C CYS A 82 -1.68 1.81 -4.06
N GLN A 83 -1.98 2.99 -3.52
CA GLN A 83 -0.95 3.86 -2.96
C GLN A 83 -0.28 3.19 -1.74
N PHE A 84 -1.07 2.55 -0.89
CA PHE A 84 -0.56 1.85 0.31
C PHE A 84 0.44 0.75 -0.09
N LEU A 85 0.08 -0.11 -1.05
CA LEU A 85 0.99 -1.16 -1.52
C LEU A 85 2.25 -0.62 -2.17
N THR A 86 2.17 0.50 -2.90
CA THR A 86 3.36 1.10 -3.51
C THR A 86 4.34 1.58 -2.44
N ARG A 87 3.85 2.22 -1.38
CA ARG A 87 4.71 2.70 -0.28
C ARG A 87 5.31 1.55 0.50
N ILE A 88 4.53 0.47 0.73
CA ILE A 88 5.05 -0.73 1.40
C ILE A 88 6.16 -1.36 0.52
N ALA A 89 5.94 -1.46 -0.80
CA ALA A 89 6.97 -2.02 -1.71
C ALA A 89 8.26 -1.19 -1.69
N ALA A 90 8.13 0.12 -1.49
CA ALA A 90 9.27 1.04 -1.40
C ALA A 90 9.75 1.30 0.05
N GLY A 91 9.28 0.51 1.01
CA GLY A 91 9.56 0.72 2.43
C GLY A 91 11.03 0.84 2.82
N LYS A 92 11.91 0.11 2.13
CA LYS A 92 13.34 0.20 2.40
C LYS A 92 14.07 1.25 1.54
N THR A 93 13.36 1.92 0.63
CA THR A 93 13.93 2.91 -0.26
C THR A 93 13.82 4.26 0.43
N LEU A 94 14.75 4.57 1.35
CA LEU A 94 14.70 5.83 2.10
C LEU A 94 14.92 7.11 1.25
N ASP A 95 15.37 6.97 -0.02
CA ASP A 95 15.53 8.13 -0.91
C ASP A 95 14.23 8.51 -1.64
N ALA A 96 13.17 7.68 -1.54
CA ALA A 96 11.88 7.95 -2.19
C ALA A 96 11.06 8.95 -1.38
N GLN A 97 10.54 9.97 -2.05
CA GLN A 97 9.75 11.01 -1.39
C GLN A 97 8.30 10.89 -1.84
N PHE A 98 7.44 10.34 -1.00
CA PHE A 98 6.02 10.18 -1.35
C PHE A 98 5.14 11.35 -0.95
N GLU A 99 5.64 12.27 -0.11
CA GLU A 99 4.81 13.41 0.34
C GLU A 99 5.49 14.75 0.02
N ASN A 100 4.72 15.85 0.00
CA ASN A 100 5.26 17.20 -0.19
C ASN A 100 6.26 17.52 0.92
N ASP A 101 6.04 17.01 2.14
CA ASP A 101 6.99 17.17 3.23
C ASP A 101 8.03 16.08 2.99
N GLU A 102 9.24 16.49 2.55
CA GLU A 102 10.34 15.60 2.20
C GLU A 102 10.90 14.78 3.36
N ARG A 103 10.52 15.12 4.60
CA ARG A 103 11.00 14.36 5.77
C ARG A 103 10.26 13.03 5.96
N ILE A 104 9.05 12.89 5.42
CA ILE A 104 8.23 11.70 5.62
C ILE A 104 8.77 10.48 4.85
N THR A 105 9.10 9.42 5.59
CA THR A 105 9.60 8.19 4.96
C THR A 105 8.48 7.35 4.34
N PRO A 106 8.82 6.45 3.41
CA PRO A 106 7.79 5.62 2.76
C PRO A 106 6.87 4.85 3.72
N LEU A 107 7.40 4.19 4.77
CA LEU A 107 6.53 3.50 5.75
C LEU A 107 5.63 4.47 6.57
N GLU A 108 6.11 5.68 6.83
CA GLU A 108 5.28 6.69 7.51
C GLU A 108 4.11 7.09 6.59
N SER A 109 4.41 7.27 5.29
CA SER A 109 3.40 7.57 4.30
C SER A 109 2.38 6.40 4.19
N ALA A 110 2.85 5.14 4.24
CA ALA A 110 1.95 3.97 4.23
C ALA A 110 1.02 3.95 5.48
N LEU A 111 1.57 4.32 6.64
CA LEU A 111 0.86 4.39 7.91
C LEU A 111 -0.27 5.43 7.86
N MET A 112 -0.03 6.60 7.20
CA MET A 112 -1.02 7.67 7.02
C MET A 112 -2.18 7.15 6.17
N ILE A 113 -1.86 6.43 5.10
CA ILE A 113 -2.89 5.87 4.22
C ILE A 113 -3.68 4.80 4.93
N TRP A 114 -2.97 3.92 5.67
CA TRP A 114 -3.62 2.83 6.42
C TRP A 114 -4.69 3.36 7.41
N GLY A 115 -4.43 4.50 8.03
CA GLY A 115 -5.36 5.12 8.95
C GLY A 115 -6.45 5.96 8.31
N SER A 116 -6.49 6.05 6.96
CA SER A 116 -7.47 6.82 6.19
C SER A 116 -8.46 5.95 5.43
N ILE A 117 -8.06 4.74 5.07
CA ILE A 117 -8.94 3.82 4.35
C ILE A 117 -10.22 3.53 5.15
N GLU A 118 -11.40 3.62 4.48
CA GLU A 118 -12.69 3.31 5.10
C GLU A 118 -12.74 1.78 5.17
N LYS A 119 -12.29 1.22 6.29
CA LYS A 119 -12.23 -0.23 6.46
C LYS A 119 -12.40 -0.58 7.94
N GLU A 120 -12.72 -1.84 8.24
CA GLU A 120 -12.91 -2.27 9.62
C GLU A 120 -11.58 -2.22 10.36
N HIS A 121 -11.64 -1.88 11.65
CA HIS A 121 -10.43 -1.85 12.46
C HIS A 121 -10.43 -3.10 13.29
N ASP A 122 -10.25 -4.24 12.61
CA ASP A 122 -10.22 -5.52 13.30
C ASP A 122 -8.80 -5.77 13.89
N LYS A 123 -8.56 -6.95 14.48
CA LYS A 123 -7.26 -7.26 15.05
C LYS A 123 -6.13 -7.17 14.01
N LEU A 124 -6.39 -7.66 12.79
CA LEU A 124 -5.41 -7.63 11.70
C LEU A 124 -5.05 -6.22 11.33
N HIS A 125 -6.03 -5.30 11.30
CA HIS A 125 -5.75 -3.90 10.99
C HIS A 125 -4.71 -3.31 11.97
N GLU A 126 -4.90 -3.55 13.28
CA GLU A 126 -4.01 -3.01 14.32
C GLU A 126 -2.66 -3.69 14.33
N GLU A 127 -2.63 -4.99 14.04
CA GLU A 127 -1.35 -5.71 13.96
C GLU A 127 -0.49 -5.16 12.82
N ILE A 128 -1.10 -4.90 11.65
CA ILE A 128 -0.38 -4.32 10.51
C ILE A 128 0.11 -2.92 10.87
N GLN A 129 -0.77 -2.10 11.46
CA GLN A 129 -0.42 -0.75 11.91
C GLN A 129 0.82 -0.74 12.83
N ASN A 130 0.84 -1.60 13.86
CA ASN A 130 1.96 -1.63 14.79
C ASN A 130 3.25 -2.18 14.15
N LEU A 131 3.12 -3.13 13.23
CA LEU A 131 4.30 -3.67 12.51
C LEU A 131 4.88 -2.58 11.59
N ILE A 132 4.03 -1.74 10.96
CA ILE A 132 4.55 -0.66 10.12
C ILE A 132 5.30 0.37 11.01
N LYS A 133 4.77 0.68 12.21
CA LYS A 133 5.43 1.61 13.13
C LYS A 133 6.81 1.13 13.54
N ILE A 134 6.95 -0.14 13.95
CA ILE A 134 8.24 -0.70 14.37
C ILE A 134 9.23 -0.69 13.21
N GLN A 135 8.78 -1.14 12.02
CA GLN A 135 9.64 -1.19 10.87
C GLN A 135 10.02 0.17 10.33
N ALA A 136 9.18 1.20 10.51
CA ALA A 136 9.53 2.55 10.07
C ALA A 136 10.79 3.05 10.81
N ILE A 137 10.94 2.66 12.07
CA ILE A 137 12.11 2.94 12.86
C ILE A 137 13.24 1.97 12.49
N ALA A 138 12.94 0.65 12.42
CA ALA A 138 13.94 -0.37 12.07
C ALA A 138 14.71 -0.08 10.78
N VAL A 139 14.00 0.36 9.71
CA VAL A 139 14.67 0.60 8.43
C VAL A 139 15.66 1.77 8.55
N CYS A 140 15.38 2.77 9.39
CA CYS A 140 16.33 3.89 9.58
C CYS A 140 17.56 3.40 10.30
N MET A 141 17.37 2.60 11.35
CA MET A 141 18.48 2.05 12.14
CA MET A 141 18.49 2.07 12.12
C MET A 141 19.41 1.20 11.28
N GLU A 142 18.83 0.32 10.46
CA GLU A 142 19.58 -0.56 9.58
C GLU A 142 20.44 0.17 8.57
N ASN A 143 20.07 1.39 8.17
CA ASN A 143 20.89 2.21 7.27
C ASN A 143 21.88 3.13 8.01
N GLY A 144 22.02 2.97 9.33
CA GLY A 144 22.87 3.82 10.15
C GLY A 144 22.31 5.21 10.37
N ASN A 145 21.03 5.45 10.02
CA ASN A 145 20.40 6.76 10.16
C ASN A 145 19.76 6.84 11.54
N PHE A 146 20.59 6.97 12.61
CA PHE A 146 20.15 6.99 14.00
C PHE A 146 19.34 8.24 14.37
N LYS A 147 19.74 9.43 13.88
CA LYS A 147 19.01 10.66 14.16
C LYS A 147 17.65 10.66 13.41
N GLU A 148 17.61 10.09 12.20
CA GLU A 148 16.37 10.00 11.46
C GLU A 148 15.40 9.03 12.18
N ALA A 149 15.92 7.95 12.78
CA ALA A 149 15.07 7.00 13.52
C ALA A 149 14.39 7.70 14.71
N GLU A 150 15.12 8.58 15.42
CA GLU A 150 14.57 9.36 16.53
C GLU A 150 13.45 10.32 16.04
N GLU A 151 13.66 10.93 14.87
CA GLU A 151 12.69 11.86 14.29
C GLU A 151 11.42 11.15 13.79
N VAL A 152 11.57 9.94 13.22
CA VAL A 152 10.42 9.12 12.79
C VAL A 152 9.64 8.70 14.05
N PHE A 153 10.36 8.30 15.10
CA PHE A 153 9.77 7.94 16.39
C PHE A 153 8.90 9.08 16.95
N GLU A 154 9.40 10.33 16.91
CA GLU A 154 8.65 11.46 17.43
C GLU A 154 7.40 11.77 16.60
N ARG A 155 7.49 11.60 15.28
CA ARG A 155 6.34 11.87 14.42
C ARG A 155 5.27 10.80 14.63
N ILE A 156 5.68 9.54 14.81
CA ILE A 156 4.73 8.45 14.98
C ILE A 156 4.15 8.36 16.40
N PHE A 157 5.01 8.26 17.42
CA PHE A 157 4.63 8.07 18.82
C PHE A 157 4.34 9.35 19.55
N GLY A 158 3.17 9.92 19.27
CA GLY A 158 2.76 11.17 19.89
N MET A 164 2.71 2.88 25.67
CA MET A 164 3.79 3.36 26.58
C MET A 164 4.91 2.31 26.63
N PRO A 165 4.65 1.04 27.00
CA PRO A 165 5.72 0.05 27.12
C PRO A 165 6.40 -0.19 25.76
N PHE A 166 5.61 -0.31 24.69
CA PHE A 166 6.14 -0.50 23.31
C PHE A 166 6.99 0.70 22.94
N LYS A 167 6.47 1.90 23.17
CA LYS A 167 7.21 3.15 22.86
C LYS A 167 8.53 3.19 23.62
N SER A 168 8.53 2.77 24.89
CA SER A 168 9.75 2.86 25.74
C SER A 168 10.88 1.96 25.21
N LYS A 169 10.54 0.72 24.81
CA LYS A 169 11.56 -0.22 24.28
C LYS A 169 12.19 0.35 23.01
N LEU A 170 11.37 0.94 22.14
CA LEU A 170 11.88 1.49 20.86
C LEU A 170 12.86 2.63 21.14
N LEU A 171 12.49 3.54 22.04
CA LEU A 171 13.38 4.70 22.34
C LEU A 171 14.71 4.18 22.91
N MET A 172 14.64 3.10 23.68
N MET A 172 14.64 3.11 23.69
CA MET A 172 15.88 2.51 24.27
CA MET A 172 15.88 2.51 24.27
C MET A 172 16.76 1.95 23.14
C MET A 172 16.76 1.95 23.13
N ILE A 173 16.15 1.21 22.21
CA ILE A 173 16.92 0.62 21.07
C ILE A 173 17.53 1.74 20.23
N ILE A 174 16.76 2.80 19.96
CA ILE A 174 17.28 3.92 19.17
C ILE A 174 18.51 4.57 19.85
N SER A 175 18.42 4.84 21.17
CA SER A 175 19.50 5.47 21.94
C SER A 175 20.76 4.60 22.04
N GLN A 176 20.58 3.28 22.07
CA GLN A 176 21.70 2.35 22.09
C GLN A 176 22.34 2.16 20.69
N LYS A 177 21.68 2.62 19.62
CA LYS A 177 22.11 2.41 18.25
C LYS A 177 22.22 0.90 17.95
N ASP A 178 21.31 0.10 18.55
CA ASP A 178 21.28 -1.34 18.41
C ASP A 178 20.56 -1.70 17.11
N THR A 179 21.29 -1.55 16.00
CA THR A 179 20.81 -1.81 14.65
C THR A 179 20.13 -3.19 14.51
N PHE A 180 20.85 -4.27 14.83
CA PHE A 180 20.32 -5.61 14.68
C PHE A 180 19.79 -6.14 16.00
N HIS A 181 18.92 -5.37 16.66
CA HIS A 181 18.35 -5.78 17.94
C HIS A 181 17.40 -6.99 17.73
N SER A 182 17.27 -7.82 18.77
CA SER A 182 16.40 -9.00 18.72
C SER A 182 14.92 -8.65 18.57
N PHE A 183 14.50 -7.46 19.04
CA PHE A 183 13.11 -7.00 18.95
C PHE A 183 12.69 -6.85 17.50
N PHE A 184 13.59 -6.33 16.64
CA PHE A 184 13.32 -6.17 15.21
C PHE A 184 13.27 -7.50 14.45
N GLN A 185 13.76 -8.61 15.06
CA GLN A 185 13.70 -9.94 14.47
C GLN A 185 12.38 -10.65 14.82
N HIS A 186 11.77 -10.31 15.96
CA HIS A 186 10.49 -10.85 16.39
C HIS A 186 9.33 -10.13 15.68
N PHE A 187 9.49 -8.83 15.40
CA PHE A 187 8.50 -8.05 14.67
C PHE A 187 9.19 -7.54 13.42
N SER A 188 9.60 -8.49 12.57
CA SER A 188 10.42 -8.26 11.38
C SER A 188 9.68 -7.67 10.17
N TYR A 189 10.47 -7.23 9.16
CA TYR A 189 9.96 -6.73 7.90
C TYR A 189 9.17 -7.85 7.19
N ASN A 190 9.66 -9.12 7.29
CA ASN A 190 8.99 -10.28 6.67
C ASN A 190 7.65 -10.55 7.31
N HIS A 191 7.56 -10.39 8.64
CA HIS A 191 6.30 -10.59 9.35
CA HIS A 191 6.32 -10.58 9.39
C HIS A 191 5.31 -9.50 8.95
N MET A 192 5.77 -8.26 8.77
CA MET A 192 4.91 -7.15 8.32
C MET A 192 4.39 -7.48 6.90
N MET A 193 5.27 -7.93 6.01
CA MET A 193 4.89 -8.30 4.63
C MET A 193 3.87 -9.44 4.62
N GLU A 194 4.08 -10.48 5.42
CA GLU A 194 3.15 -11.62 5.48
C GLU A 194 1.77 -11.21 6.01
N LYS A 195 1.71 -10.33 7.05
CA LYS A 195 0.41 -9.85 7.56
C LYS A 195 -0.28 -9.02 6.50
N ILE A 196 0.48 -8.17 5.80
CA ILE A 196 -0.10 -7.37 4.71
C ILE A 196 -0.62 -8.26 3.58
N LYS A 197 0.13 -9.34 3.22
CA LYS A 197 -0.37 -10.26 2.19
C LYS A 197 -1.66 -10.96 2.58
N SER A 198 -1.88 -11.23 3.88
CA SER A 198 -3.17 -11.79 4.33
C SER A 198 -4.33 -10.82 3.99
N TYR A 199 -4.12 -9.52 4.23
CA TYR A 199 -5.12 -8.48 3.92
C TYR A 199 -5.31 -8.39 2.40
N VAL A 200 -4.22 -8.44 1.65
CA VAL A 200 -4.28 -8.42 0.18
C VAL A 200 -5.12 -9.56 -0.36
N ASN A 201 -5.03 -10.76 0.26
CA ASN A 201 -5.87 -11.88 -0.17
C ASN A 201 -7.36 -11.57 -0.07
N TYR A 202 -7.77 -10.82 0.96
CA TYR A 202 -9.18 -10.44 1.11
C TYR A 202 -9.59 -9.44 0.02
N VAL A 203 -8.70 -8.52 -0.32
CA VAL A 203 -9.01 -7.54 -1.41
C VAL A 203 -9.12 -8.29 -2.75
N LEU A 204 -8.24 -9.27 -2.97
CA LEU A 204 -8.26 -10.07 -4.23
C LEU A 204 -9.59 -10.82 -4.33
N SER A 205 -10.07 -11.36 -3.21
N SER A 205 -10.06 -11.37 -3.22
CA SER A 205 -11.34 -12.13 -3.22
CA SER A 205 -11.34 -12.13 -3.22
C SER A 205 -12.52 -11.20 -3.48
C SER A 205 -12.51 -11.18 -3.51
N GLU A 206 -12.44 -9.96 -2.96
CA GLU A 206 -13.54 -8.98 -3.14
C GLU A 206 -13.55 -8.39 -4.55
N LYS A 207 -12.39 -8.24 -5.19
CA LYS A 207 -12.34 -7.55 -6.52
C LYS A 207 -12.25 -8.55 -7.68
N SER A 208 -12.17 -9.85 -7.39
CA SER A 208 -12.10 -10.88 -8.46
C SER A 208 -13.38 -10.85 -9.29
N SER A 209 -14.46 -10.32 -8.73
CA SER A 209 -15.77 -10.26 -9.45
CA SER A 209 -15.77 -10.26 -9.45
C SER A 209 -16.03 -8.94 -10.22
N THR A 210 -14.97 -8.14 -10.33
CA THR A 210 -15.11 -6.84 -11.05
C THR A 210 -15.38 -7.09 -12.54
N PHE A 211 -16.04 -6.15 -13.22
CA PHE A 211 -16.46 -6.34 -14.64
C PHE A 211 -15.36 -6.83 -15.58
N LEU A 212 -14.27 -6.07 -15.72
CA LEU A 212 -13.23 -6.44 -16.73
C LEU A 212 -12.66 -7.83 -16.46
N MET A 213 -12.31 -8.12 -15.20
CA MET A 213 -11.68 -9.44 -14.88
C MET A 213 -12.67 -10.57 -15.18
N LYS A 214 -13.92 -10.41 -14.74
CA LYS A 214 -14.95 -11.46 -14.98
C LYS A 214 -15.09 -11.71 -16.49
N ALA A 215 -15.24 -10.64 -17.28
CA ALA A 215 -15.41 -10.77 -18.74
C ALA A 215 -14.17 -11.44 -19.36
N ALA A 216 -12.98 -11.02 -18.95
CA ALA A 216 -11.72 -11.61 -19.46
C ALA A 216 -11.65 -13.10 -19.07
N ALA A 217 -12.02 -13.42 -17.84
CA ALA A 217 -11.99 -14.82 -17.36
C ALA A 217 -12.94 -15.68 -18.20
N LYS A 218 -14.14 -15.17 -18.47
CA LYS A 218 -15.15 -15.91 -19.28
C LYS A 218 -14.57 -16.20 -20.67
N VAL A 219 -13.90 -15.22 -21.28
CA VAL A 219 -13.28 -15.40 -22.61
C VAL A 219 -12.24 -16.55 -22.54
N VAL A 220 -11.34 -16.50 -21.54
CA VAL A 220 -10.28 -17.51 -21.38
C VAL A 220 -10.89 -18.90 -21.18
N GLU A 221 -11.91 -18.99 -20.31
CA GLU A 221 -12.60 -20.26 -20.04
C GLU A 221 -13.29 -20.82 -21.27
N SER A 222 -13.93 -19.96 -22.07
CA SER A 222 -14.63 -20.43 -23.27
C SER A 222 -13.71 -21.01 -24.34
N LYS A 223 -12.40 -20.71 -24.29
CA LYS A 223 -11.42 -21.26 -25.22
C LYS A 223 -10.69 -22.51 -24.67
N ARG A 224 -11.09 -23.01 -23.49
CA ARG A 224 -10.47 -24.18 -22.86
C ARG A 224 -11.15 -25.51 -23.25
C15 A9E B . -5.92 11.62 -6.78
C12 A9E B . -6.20 10.25 -4.21
C13 A9E B . -7.39 10.43 -5.14
C14 A9E B . -6.95 10.51 -6.59
C11 A9E B . -5.19 11.37 -4.44
C10 A9E B . -3.50 11.23 -6.22
C9 A9E B . -3.18 11.05 -7.69
C8 A9E B . -2.25 6.93 -7.29
C7 A9E B . -2.59 8.27 -7.38
C4 A9E B . -0.06 7.40 -8.04
C5 A9E B . -0.36 8.75 -8.12
C6 A9E B . -1.64 9.19 -7.79
C3 A9E B . -0.99 6.47 -7.63
C2 A9E B . -0.64 5.00 -7.52
C1 A9E B . 0.67 4.75 -6.82
O1 A9E B . -1.87 10.55 -7.89
O2 A9E B . -2.59 11.16 -5.39
N1 A9E B . -4.79 11.41 -5.85
C1 EDO C . 6.59 -7.11 -3.12
O1 EDO C . 5.80 -8.22 -2.69
C2 EDO C . 6.40 -6.83 -4.61
O2 EDO C . 7.01 -5.60 -4.97
C1 EDO D . 13.13 10.85 3.88
O1 EDO D . 13.74 9.68 4.41
C2 EDO D . 12.29 10.49 2.69
O2 EDO D . 12.77 11.17 1.56
C1 EDO E . -11.01 6.05 9.45
O1 EDO E . -11.02 6.84 8.27
C2 EDO E . -11.41 4.63 9.12
O2 EDO E . -12.73 4.37 9.54
C1 EDO F . -0.25 3.35 -7.30
O1 EDO F . 0.91 4.09 -6.96
C2 EDO F . -1.24 4.14 -8.06
O2 EDO F . -1.70 5.26 -7.32
CA CA G . 15.45 10.19 2.74
#